data_6EKW
#
_entry.id   6EKW
#
_cell.length_a   51.187
_cell.length_b   57.743
_cell.length_c   61.104
_cell.angle_alpha   90.00
_cell.angle_beta   109.46
_cell.angle_gamma   90.00
#
_symmetry.space_group_name_H-M   'P 1 21 1'
#
loop_
_entity.id
_entity.type
_entity.pdbx_description
1 polymer 'Aromatic peroxygenase'
2 non-polymer 'PROTOPORPHYRIN IX CONTAINING FE'
3 non-polymer 'MAGNESIUM ION'
4 non-polymer 'CHLORIDE ION'
5 non-polymer 2-acetamido-2-deoxy-beta-D-glucopyranose
6 non-polymer 'PHOSPHATE ION'
7 non-polymer NAPHTHALENE
8 non-polymer GLYCEROL
9 non-polymer METHANOL
10 water water
#
_entity_poly.entity_id   1
_entity_poly.type   'polypeptide(L)'
_entity_poly.pdbx_seq_one_letter_code
;EPGLPPGPLENSSAKLVNDEAHPWKPLRPGDIRGPCPGLNTLASHGYLPRNGVATPAQIINAVQEGFNFDNQAAIFATYA
AHLVDGNLITDLLSIGRKTRLTGPDPPPPASVGGLNEHGTFEGDASMTRGDAFFGNNHDFNETLFEQLVDYSNRFGGGKY
NLTVAGELRFKRIQDSIATNPNFSFVDFRFFTAYGETTFPANLFVDGRRDDGQLDMDAARSFFQFSRMPDDFFRAPSPRS
GTGVEVVVQAHPMQPGRNVGKINSYTVDPTSSDFSTPCLMYEKFVNITVKSLYPNPTVQLRKALNTNLDFLFQGVAAGCT
QVFPYGRD
;
_entity_poly.pdbx_strand_id   A
#
loop_
_chem_comp.id
_chem_comp.type
_chem_comp.name
_chem_comp.formula
CL non-polymer 'CHLORIDE ION' 'Cl -1'
GOL non-polymer GLYCEROL 'C3 H8 O3'
HEM non-polymer 'PROTOPORPHYRIN IX CONTAINING FE' 'C34 H32 Fe N4 O4'
MG non-polymer 'MAGNESIUM ION' 'Mg 2'
MOH non-polymer METHANOL 'C H4 O'
NAG D-saccharide, beta linking 2-acetamido-2-deoxy-beta-D-glucopyranose 'C8 H15 N O6'
NPY non-polymer NAPHTHALENE 'C10 H8'
PO4 non-polymer 'PHOSPHATE ION' 'O4 P -3'
#
# COMPACT_ATOMS: atom_id res chain seq x y z
N GLY A 3 20.63 1.71 4.82
CA GLY A 3 20.59 2.80 5.86
C GLY A 3 19.53 2.52 6.93
N LEU A 4 19.58 3.27 8.03
CA LEU A 4 18.59 3.09 9.12
C LEU A 4 17.21 3.63 8.72
N PRO A 5 16.13 3.04 9.29
CA PRO A 5 14.82 3.65 9.07
C PRO A 5 14.80 5.07 9.63
N PRO A 6 14.31 6.04 8.85
CA PRO A 6 14.14 7.40 9.39
C PRO A 6 13.22 7.44 10.60
N GLY A 7 13.45 8.42 11.47
CA GLY A 7 12.59 8.67 12.61
C GLY A 7 11.40 9.51 12.19
N PRO A 8 10.49 9.82 13.14
CA PRO A 8 9.33 10.66 12.84
C PRO A 8 9.74 12.08 12.52
N LEU A 9 8.81 12.83 11.94
CA LEU A 9 9.06 14.22 11.65
C LEU A 9 9.33 15.02 12.91
N GLU A 10 10.30 15.92 12.80
CA GLU A 10 10.59 16.84 13.90
C GLU A 10 9.50 17.90 14.02
N ASN A 11 8.94 18.33 12.89
CA ASN A 11 7.83 19.25 12.83
C ASN A 11 6.77 18.63 11.92
N SER A 12 5.68 18.18 12.53
CA SER A 12 4.59 17.50 11.79
C SER A 12 3.37 18.37 11.50
N SER A 13 3.54 19.70 11.50
CA SER A 13 2.43 20.61 11.21
C SER A 13 1.99 20.51 9.75
N ALA A 14 0.77 20.96 9.47
CA ALA A 14 0.34 21.11 8.07
C ALA A 14 1.20 22.17 7.42
N LYS A 15 1.58 21.93 6.17
CA LYS A 15 2.33 22.91 5.40
C LYS A 15 2.12 22.63 3.93
N LEU A 16 2.45 23.61 3.10
CA LEU A 16 2.33 23.48 1.66
C LEU A 16 3.37 22.47 1.22
N VAL A 17 2.91 21.40 0.56
CA VAL A 17 3.83 20.38 0.05
C VAL A 17 3.89 20.38 -1.49
N ASN A 18 2.93 21.06 -2.14
CA ASN A 18 3.04 21.34 -3.56
C ASN A 18 3.73 22.70 -3.70
N ASP A 19 5.03 22.68 -3.49
CA ASP A 19 5.84 23.91 -3.38
C ASP A 19 6.87 23.98 -4.51
N GLU A 20 7.75 24.98 -4.47
CA GLU A 20 8.61 25.30 -5.60
C GLU A 20 9.66 24.22 -5.79
N ALA A 21 10.11 23.62 -4.69
CA ALA A 21 11.08 22.54 -4.73
C ALA A 21 10.48 21.17 -5.16
N HIS A 22 9.15 21.06 -5.14
CA HIS A 22 8.47 19.81 -5.48
C HIS A 22 7.32 20.00 -6.47
N PRO A 23 7.64 20.49 -7.68
CA PRO A 23 6.61 20.65 -8.69
C PRO A 23 6.19 19.32 -9.30
N TRP A 24 4.95 19.23 -9.75
CA TRP A 24 4.52 18.09 -10.53
C TRP A 24 5.18 18.15 -11.90
N LYS A 25 5.62 17.02 -12.40
CA LYS A 25 6.10 16.91 -13.78
C LYS A 25 5.53 15.64 -14.39
N PRO A 26 5.29 15.65 -15.70
CA PRO A 26 4.81 14.48 -16.40
C PRO A 26 5.90 13.40 -16.49
N LEU A 27 5.46 12.19 -16.82
CA LEU A 27 6.41 11.07 -16.92
C LEU A 27 7.32 11.24 -18.14
N ARG A 28 8.58 10.89 -17.95
CA ARG A 28 9.56 10.74 -19.03
C ARG A 28 9.57 9.29 -19.44
N PRO A 29 10.14 8.96 -20.61
CA PRO A 29 10.29 7.55 -20.95
C PRO A 29 11.12 6.83 -19.92
N GLY A 30 10.64 5.67 -19.49
CA GLY A 30 11.33 4.89 -18.45
C GLY A 30 10.83 5.13 -17.03
N ASP A 31 10.10 6.21 -16.78
CA ASP A 31 9.62 6.50 -15.42
C ASP A 31 8.54 5.51 -15.04
N ILE A 32 8.63 4.99 -13.83
CA ILE A 32 7.77 3.91 -13.35
C ILE A 32 6.77 4.43 -12.33
N ARG A 33 5.50 4.13 -12.59
CA ARG A 33 4.43 4.33 -11.62
C ARG A 33 3.66 3.04 -11.50
N GLY A 34 3.05 2.83 -10.34
CA GLY A 34 2.46 1.54 -10.01
C GLY A 34 1.10 1.67 -9.35
N PRO A 35 0.74 0.69 -8.50
CA PRO A 35 -0.62 0.60 -7.95
C PRO A 35 -0.92 1.54 -6.78
N CYS A 36 0.09 2.24 -6.25
CA CYS A 36 -0.06 3.11 -5.08
C CYS A 36 -0.12 4.57 -5.51
N PRO A 37 -1.29 5.22 -5.39
CA PRO A 37 -1.36 6.65 -5.73
C PRO A 37 -0.55 7.55 -4.82
N GLY A 38 -0.29 7.12 -3.58
CA GLY A 38 0.56 7.90 -2.66
C GLY A 38 1.99 7.97 -3.13
N LEU A 39 2.62 6.82 -3.31
CA LEU A 39 4.00 6.78 -3.81
C LEU A 39 4.13 7.36 -5.20
N ASN A 40 3.15 7.08 -6.07
CA ASN A 40 3.13 7.68 -7.40
C ASN A 40 3.20 9.19 -7.35
N THR A 41 2.39 9.80 -6.49
CA THR A 41 2.34 11.26 -6.36
C THR A 41 3.65 11.79 -5.82
N LEU A 42 4.25 11.10 -4.85
CA LEU A 42 5.53 11.53 -4.30
C LEU A 42 6.64 11.48 -5.34
N ALA A 43 6.62 10.46 -6.20
CA ALA A 43 7.59 10.39 -7.30
C ALA A 43 7.35 11.51 -8.32
N SER A 44 6.08 11.78 -8.67
CA SER A 44 5.75 12.81 -9.65
C SER A 44 5.92 14.25 -9.15
N HIS A 45 6.13 14.43 -7.84
CA HIS A 45 6.49 15.73 -7.29
C HIS A 45 7.96 15.78 -6.84
N GLY A 46 8.74 14.74 -7.10
CA GLY A 46 10.16 14.72 -6.75
C GLY A 46 10.48 14.55 -5.28
N TYR A 47 9.50 14.13 -4.47
CA TYR A 47 9.76 13.69 -3.10
C TYR A 47 10.50 12.36 -3.08
N LEU A 48 10.19 11.54 -4.08
CA LEU A 48 10.98 10.37 -4.45
C LEU A 48 11.66 10.63 -5.77
N PRO A 49 12.68 9.84 -6.13
CA PRO A 49 13.23 9.90 -7.48
C PRO A 49 12.13 9.78 -8.52
N ARG A 50 12.16 10.64 -9.52
CA ARG A 50 11.05 10.73 -10.47
C ARG A 50 10.90 9.51 -11.37
N ASN A 51 11.94 8.68 -11.46
CA ASN A 51 11.85 7.40 -12.21
C ASN A 51 11.15 6.27 -11.46
N GLY A 52 10.75 6.48 -10.20
CA GLY A 52 9.98 5.49 -9.45
C GLY A 52 10.80 4.36 -8.84
N VAL A 53 12.10 4.52 -8.74
CA VAL A 53 12.98 3.57 -8.08
C VAL A 53 13.60 4.26 -6.90
N ALA A 54 13.48 3.68 -5.71
CA ALA A 54 13.91 4.34 -4.48
C ALA A 54 14.39 3.36 -3.43
N THR A 55 15.12 3.88 -2.45
CA THR A 55 15.50 3.08 -1.30
C THR A 55 14.37 3.12 -0.26
N PRO A 56 14.35 2.15 0.66
CA PRO A 56 13.39 2.21 1.76
C PRO A 56 13.48 3.49 2.58
N ALA A 57 14.68 3.98 2.86
CA ALA A 57 14.82 5.24 3.59
C ALA A 57 14.22 6.43 2.83
N GLN A 58 14.42 6.46 1.52
CA GLN A 58 13.80 7.51 0.68
C GLN A 58 12.29 7.44 0.75
N ILE A 59 11.73 6.23 0.69
CA ILE A 59 10.28 6.06 0.75
C ILE A 59 9.72 6.53 2.07
N ILE A 60 10.35 6.15 3.17
CA ILE A 60 9.87 6.53 4.51
C ILE A 60 9.92 8.04 4.69
N ASN A 61 11.02 8.65 4.29
CA ASN A 61 11.12 10.11 4.35
C ASN A 61 10.08 10.80 3.50
N ALA A 62 9.85 10.29 2.28
CA ALA A 62 8.89 10.91 1.36
C ALA A 62 7.45 10.86 1.87
N VAL A 63 7.01 9.70 2.36
CA VAL A 63 5.61 9.56 2.84
C VAL A 63 5.33 10.44 4.06
N GLN A 64 6.36 10.60 4.91
CA GLN A 64 6.26 11.48 6.06
C GLN A 64 6.25 12.94 5.64
N GLU A 65 7.25 13.34 4.86
N GLU A 65 7.26 13.36 4.87
CA GLU A 65 7.40 14.74 4.50
CA GLU A 65 7.38 14.77 4.46
C GLU A 65 6.29 15.25 3.57
C GLU A 65 6.24 15.24 3.58
N GLY A 66 5.89 14.43 2.58
CA GLY A 66 4.90 14.83 1.60
C GLY A 66 3.45 14.70 2.06
N PHE A 67 3.16 13.68 2.86
CA PHE A 67 1.77 13.40 3.27
C PHE A 67 1.50 13.28 4.78
N ASN A 68 2.55 13.35 5.60
CA ASN A 68 2.44 13.13 7.05
C ASN A 68 1.94 11.73 7.39
N PHE A 69 2.37 10.73 6.62
CA PHE A 69 2.15 9.33 6.98
C PHE A 69 2.91 9.07 8.28
N ASP A 70 2.30 8.33 9.21
CA ASP A 70 2.97 8.11 10.49
C ASP A 70 4.14 7.13 10.37
N ASN A 71 5.11 7.31 11.26
CA ASN A 71 6.40 6.63 11.19
C ASN A 71 6.27 5.10 11.29
N GLN A 72 5.48 4.61 12.24
CA GLN A 72 5.34 3.18 12.43
C GLN A 72 4.73 2.52 11.20
N ALA A 73 3.69 3.14 10.66
CA ALA A 73 3.03 2.63 9.45
C ALA A 73 3.96 2.70 8.24
N ALA A 74 4.72 3.79 8.15
CA ALA A 74 5.68 3.97 7.07
C ALA A 74 6.74 2.86 7.08
N ILE A 75 7.26 2.57 8.27
CA ILE A 75 8.28 1.55 8.43
C ILE A 75 7.72 0.17 8.07
N PHE A 76 6.55 -0.19 8.61
CA PHE A 76 6.02 -1.52 8.34
C PHE A 76 5.75 -1.73 6.85
N ALA A 77 5.03 -0.80 6.25
CA ALA A 77 4.68 -0.92 4.82
C ALA A 77 5.90 -0.97 3.92
N THR A 78 6.85 -0.07 4.18
CA THR A 78 8.03 0.06 3.34
C THR A 78 8.91 -1.19 3.37
N TYR A 79 9.21 -1.67 4.57
CA TYR A 79 10.06 -2.85 4.68
C TYR A 79 9.35 -4.12 4.28
N ALA A 80 8.03 -4.18 4.48
CA ALA A 80 7.27 -5.32 3.97
C ALA A 80 7.36 -5.38 2.45
N ALA A 81 7.08 -4.24 1.81
CA ALA A 81 7.17 -4.17 0.35
C ALA A 81 8.59 -4.49 -0.16
N HIS A 82 9.59 -3.91 0.50
CA HIS A 82 10.98 -4.11 0.07
C HIS A 82 11.40 -5.59 0.19
N LEU A 83 11.04 -6.22 1.31
CA LEU A 83 11.36 -7.64 1.52
C LEU A 83 10.82 -8.54 0.42
N VAL A 84 9.59 -8.30 -0.02
CA VAL A 84 8.96 -9.18 -1.02
C VAL A 84 9.07 -8.71 -2.48
N ASP A 85 9.28 -7.42 -2.70
CA ASP A 85 9.34 -6.86 -4.05
C ASP A 85 10.63 -6.12 -4.43
N GLY A 86 11.49 -5.85 -3.46
CA GLY A 86 12.70 -5.04 -3.69
C GLY A 86 13.96 -5.88 -3.70
N ASN A 87 15.05 -5.24 -4.12
CA ASN A 87 16.36 -5.89 -4.16
C ASN A 87 17.09 -5.60 -2.85
N LEU A 88 17.32 -6.65 -2.09
CA LEU A 88 17.86 -6.51 -0.75
C LEU A 88 19.36 -6.20 -0.73
N ILE A 89 20.06 -6.56 -1.80
CA ILE A 89 21.52 -6.26 -1.93
C ILE A 89 21.77 -4.81 -2.35
N THR A 90 21.05 -4.34 -3.37
CA THR A 90 21.22 -2.97 -3.86
C THR A 90 20.43 -1.93 -3.04
N ASP A 91 19.49 -2.41 -2.23
CA ASP A 91 18.60 -1.57 -1.39
C ASP A 91 17.66 -0.72 -2.23
N LEU A 92 17.20 -1.27 -3.36
CA LEU A 92 16.32 -0.53 -4.27
C LEU A 92 15.01 -1.25 -4.49
N LEU A 93 13.93 -0.46 -4.58
CA LEU A 93 12.59 -0.96 -4.82
C LEU A 93 11.92 -0.13 -5.91
N SER A 94 11.30 -0.81 -6.88
CA SER A 94 10.46 -0.16 -7.88
C SER A 94 9.06 0.03 -7.32
N ILE A 95 8.50 1.23 -7.49
CA ILE A 95 7.12 1.47 -7.07
C ILE A 95 6.09 0.96 -8.08
N GLY A 96 6.54 0.30 -9.15
CA GLY A 96 5.67 -0.28 -10.14
C GLY A 96 6.23 -1.56 -10.72
N ARG A 97 6.45 -1.55 -12.04
CA ARG A 97 6.89 -2.75 -12.75
C ARG A 97 8.31 -3.19 -12.38
N LYS A 98 8.58 -4.45 -12.70
CA LYS A 98 9.93 -5.00 -12.56
C LYS A 98 10.84 -4.24 -13.50
N THR A 99 12.04 -3.96 -13.00
CA THR A 99 13.01 -3.17 -13.77
C THR A 99 14.42 -3.64 -13.48
N ARG A 100 15.24 -3.56 -14.53
CA ARG A 100 16.68 -3.80 -14.37
C ARG A 100 17.37 -2.74 -13.52
N LEU A 101 16.71 -1.60 -13.32
CA LEU A 101 17.25 -0.54 -12.48
C LEU A 101 17.42 -0.88 -11.00
N THR A 102 16.75 -1.92 -10.51
CA THR A 102 16.98 -2.39 -9.14
C THR A 102 18.21 -3.30 -9.00
N GLY A 103 18.89 -3.61 -10.10
CA GLY A 103 20.19 -4.28 -10.04
C GLY A 103 20.13 -5.76 -10.30
N PRO A 104 21.27 -6.45 -10.15
CA PRO A 104 21.33 -7.89 -10.37
C PRO A 104 20.41 -8.64 -9.43
N ASP A 105 19.59 -9.51 -10.00
CA ASP A 105 18.55 -10.21 -9.25
C ASP A 105 19.14 -11.33 -8.37
N PRO A 106 18.45 -11.65 -7.28
CA PRO A 106 18.74 -12.85 -6.49
C PRO A 106 18.22 -14.08 -7.21
N PRO A 107 18.56 -15.29 -6.72
CA PRO A 107 18.05 -16.50 -7.38
C PRO A 107 16.55 -16.66 -7.13
N PRO A 108 15.83 -17.37 -8.03
CA PRO A 108 14.44 -17.67 -7.71
C PRO A 108 14.34 -18.57 -6.47
N PRO A 109 13.20 -18.62 -5.81
CA PRO A 109 11.91 -18.05 -6.25
C PRO A 109 11.65 -16.55 -6.00
N ALA A 110 12.62 -15.83 -5.43
CA ALA A 110 12.48 -14.38 -5.27
C ALA A 110 12.33 -13.74 -6.64
N SER A 111 11.36 -12.85 -6.77
CA SER A 111 11.00 -12.25 -8.05
C SER A 111 11.53 -10.82 -8.25
N VAL A 112 11.67 -10.06 -7.16
CA VAL A 112 12.07 -8.63 -7.21
C VAL A 112 11.27 -7.96 -8.33
N GLY A 113 9.94 -8.08 -8.20
CA GLY A 113 9.02 -7.66 -9.24
C GLY A 113 8.45 -6.26 -9.12
N GLY A 114 8.92 -5.49 -8.13
CA GLY A 114 8.35 -4.17 -7.88
C GLY A 114 6.99 -4.30 -7.23
N LEU A 115 6.39 -3.16 -6.92
CA LEU A 115 5.04 -3.15 -6.34
C LEU A 115 3.95 -3.73 -7.25
N ASN A 116 4.20 -3.81 -8.57
CA ASN A 116 3.26 -4.45 -9.49
C ASN A 116 3.16 -5.97 -9.27
N GLU A 117 4.09 -6.60 -8.53
CA GLU A 117 4.02 -8.05 -8.36
C GLU A 117 2.76 -8.46 -7.63
N HIS A 118 1.91 -9.24 -8.30
CA HIS A 118 0.67 -9.69 -7.69
C HIS A 118 0.89 -10.71 -6.59
N GLY A 119 0.19 -10.51 -5.48
CA GLY A 119 0.09 -11.53 -4.43
C GLY A 119 1.14 -11.45 -3.34
N THR A 120 2.09 -10.52 -3.47
CA THR A 120 3.08 -10.26 -2.44
C THR A 120 2.57 -9.15 -1.55
N PHE A 121 2.59 -7.91 -2.04
CA PHE A 121 1.95 -6.78 -1.39
C PHE A 121 0.65 -6.46 -2.13
N GLU A 122 0.75 -6.19 -3.42
CA GLU A 122 -0.42 -5.88 -4.25
C GLU A 122 -1.42 -7.02 -4.21
N GLY A 123 -2.71 -6.69 -4.20
CA GLY A 123 -3.74 -7.71 -4.32
C GLY A 123 -5.11 -7.23 -4.76
N ASP A 124 -6.06 -8.14 -4.67
CA ASP A 124 -7.37 -7.97 -5.29
C ASP A 124 -8.28 -6.99 -4.57
N ALA A 125 -9.36 -6.61 -5.24
CA ALA A 125 -10.38 -5.70 -4.77
C ALA A 125 -9.85 -4.31 -4.42
N SER A 126 -8.87 -3.85 -5.19
CA SER A 126 -8.42 -2.46 -5.14
C SER A 126 -9.55 -1.57 -5.65
N MET A 127 -9.55 -0.31 -5.20
CA MET A 127 -10.64 0.61 -5.53
C MET A 127 -10.58 1.12 -6.95
N THR A 128 -9.41 1.53 -7.41
CA THR A 128 -9.25 2.18 -8.72
C THR A 128 -8.39 1.38 -9.71
N ARG A 129 -7.88 0.24 -9.28
CA ARG A 129 -7.10 -0.67 -10.11
C ARG A 129 -7.85 -2.00 -10.19
N GLY A 130 -7.75 -2.66 -11.34
CA GLY A 130 -8.37 -3.98 -11.52
C GLY A 130 -7.58 -5.10 -10.89
N ASP A 131 -8.27 -6.21 -10.63
CA ASP A 131 -7.58 -7.42 -10.17
C ASP A 131 -6.62 -7.91 -11.25
N ALA A 132 -5.52 -8.52 -10.81
CA ALA A 132 -4.49 -9.05 -11.73
C ALA A 132 -5.06 -10.04 -12.74
N PHE A 133 -6.05 -10.84 -12.33
CA PHE A 133 -6.72 -11.80 -13.23
C PHE A 133 -7.30 -11.13 -14.46
N PHE A 134 -7.74 -9.88 -14.35
CA PHE A 134 -8.35 -9.18 -15.47
C PHE A 134 -7.36 -8.44 -16.36
N GLY A 135 -6.06 -8.57 -16.09
CA GLY A 135 -5.03 -8.17 -17.06
C GLY A 135 -4.14 -7.01 -16.68
N ASN A 136 -4.52 -6.26 -15.65
CA ASN A 136 -3.76 -5.07 -15.26
C ASN A 136 -4.07 -4.66 -13.82
N ASN A 137 -3.10 -4.88 -12.95
CA ASN A 137 -3.27 -4.60 -11.52
C ASN A 137 -2.70 -3.26 -11.07
N HIS A 138 -2.30 -2.39 -12.01
CA HIS A 138 -1.54 -1.21 -11.65
C HIS A 138 -1.99 0.10 -12.25
N ASP A 139 -2.48 0.11 -13.48
CA ASP A 139 -2.91 1.37 -14.10
C ASP A 139 -4.23 1.85 -13.50
N PHE A 140 -4.37 3.17 -13.45
CA PHE A 140 -5.64 3.80 -13.12
C PHE A 140 -6.72 3.27 -14.07
N ASN A 141 -7.89 2.96 -13.52
CA ASN A 141 -9.03 2.45 -14.28
C ASN A 141 -10.17 3.44 -14.14
N GLU A 142 -10.59 4.00 -15.28
CA GLU A 142 -11.60 5.04 -15.32
C GLU A 142 -12.96 4.53 -14.85
N THR A 143 -13.38 3.35 -15.31
CA THR A 143 -14.65 2.75 -14.91
C THR A 143 -14.72 2.58 -13.39
N LEU A 144 -13.64 2.03 -12.81
CA LEU A 144 -13.57 1.85 -11.37
C LEU A 144 -13.56 3.19 -10.64
N PHE A 145 -12.84 4.17 -11.16
CA PHE A 145 -12.89 5.50 -10.56
C PHE A 145 -14.30 6.12 -10.62
N GLU A 146 -15.00 5.96 -11.74
CA GLU A 146 -16.37 6.47 -11.86
C GLU A 146 -17.32 5.80 -10.86
N GLN A 147 -17.06 4.54 -10.55
CA GLN A 147 -17.78 3.84 -9.48
C GLN A 147 -17.48 4.46 -8.11
N LEU A 148 -16.22 4.82 -7.86
CA LEU A 148 -15.86 5.55 -6.64
C LEU A 148 -16.62 6.88 -6.57
N VAL A 149 -16.71 7.59 -7.69
CA VAL A 149 -17.49 8.84 -7.77
C VAL A 149 -18.95 8.58 -7.45
N ASP A 150 -19.52 7.54 -8.05
CA ASP A 150 -20.92 7.20 -7.77
C ASP A 150 -21.17 6.90 -6.30
N TYR A 151 -20.29 6.10 -5.69
CA TYR A 151 -20.40 5.77 -4.27
C TYR A 151 -20.23 7.02 -3.40
N SER A 152 -19.37 7.94 -3.82
CA SER A 152 -19.22 9.23 -3.14
C SER A 152 -20.50 10.07 -3.25
N ASN A 153 -21.11 10.09 -4.41
CA ASN A 153 -22.41 10.76 -4.59
C ASN A 153 -23.51 10.14 -3.73
N ARG A 154 -23.53 8.82 -3.64
CA ARG A 154 -24.59 8.12 -2.93
C ARG A 154 -24.45 8.14 -1.40
N PHE A 155 -23.21 8.02 -0.92
CA PHE A 155 -22.97 7.85 0.53
C PHE A 155 -22.17 8.96 1.19
N GLY A 156 -21.61 9.88 0.40
CA GLY A 156 -20.75 10.94 0.92
C GLY A 156 -21.14 12.34 0.53
N GLY A 157 -22.36 12.53 -0.01
CA GLY A 157 -22.77 13.85 -0.47
C GLY A 157 -21.90 14.42 -1.57
N GLY A 158 -21.33 13.53 -2.38
CA GLY A 158 -20.42 13.91 -3.44
C GLY A 158 -18.94 13.86 -3.10
N LYS A 159 -18.61 13.64 -1.82
CA LYS A 159 -17.24 13.52 -1.34
C LYS A 159 -16.95 12.09 -0.91
N TYR A 160 -15.68 11.73 -0.95
CA TYR A 160 -15.23 10.43 -0.44
C TYR A 160 -14.91 10.58 1.03
N ASN A 161 -15.58 9.81 1.87
CA ASN A 161 -15.32 9.79 3.30
C ASN A 161 -15.38 8.35 3.81
N LEU A 162 -15.23 8.12 5.11
CA LEU A 162 -15.19 6.75 5.64
C LEU A 162 -16.47 5.95 5.42
N THR A 163 -17.62 6.62 5.37
CA THR A 163 -18.87 5.93 5.05
C THR A 163 -18.83 5.39 3.62
N VAL A 164 -18.33 6.20 2.69
CA VAL A 164 -18.17 5.80 1.30
C VAL A 164 -17.19 4.63 1.22
N ALA A 165 -16.09 4.74 1.94
CA ALA A 165 -15.07 3.69 2.00
C ALA A 165 -15.68 2.36 2.43
N GLY A 166 -16.49 2.39 3.47
CA GLY A 166 -17.17 1.18 3.96
C GLY A 166 -18.01 0.49 2.90
N GLU A 167 -18.76 1.29 2.14
CA GLU A 167 -19.62 0.74 1.08
C GLU A 167 -18.82 0.28 -0.14
N LEU A 168 -17.85 1.07 -0.56
CA LEU A 168 -17.07 0.75 -1.75
C LEU A 168 -16.17 -0.46 -1.51
N ARG A 169 -15.55 -0.54 -0.34
CA ARG A 169 -14.72 -1.69 0.02
C ARG A 169 -15.50 -2.99 -0.18
N PHE A 170 -16.71 -3.04 0.38
CA PHE A 170 -17.57 -4.21 0.26
C PHE A 170 -17.99 -4.50 -1.18
N LYS A 171 -18.37 -3.46 -1.91
N LYS A 171 -18.36 -3.45 -1.91
CA LYS A 171 -18.74 -3.63 -3.32
CA LYS A 171 -18.75 -3.60 -3.33
C LYS A 171 -17.63 -4.26 -4.13
C LYS A 171 -17.63 -4.23 -4.16
N ARG A 172 -16.39 -3.80 -3.94
CA ARG A 172 -15.25 -4.34 -4.70
C ARG A 172 -14.97 -5.80 -4.35
N ILE A 173 -15.12 -6.15 -3.07
CA ILE A 173 -15.01 -7.54 -2.64
C ILE A 173 -16.10 -8.38 -3.34
N GLN A 174 -17.34 -7.95 -3.29
N GLN A 174 -17.35 -7.94 -3.26
CA GLN A 174 -18.43 -8.72 -3.86
CA GLN A 174 -18.50 -8.63 -3.88
C GLN A 174 -18.34 -8.84 -5.39
C GLN A 174 -18.28 -8.86 -5.37
N ASP A 175 -17.82 -7.82 -6.06
CA ASP A 175 -17.60 -7.89 -7.51
C ASP A 175 -16.47 -8.86 -7.86
N SER A 176 -15.38 -8.86 -7.11
CA SER A 176 -14.31 -9.86 -7.28
C SER A 176 -14.81 -11.29 -7.02
N ILE A 177 -15.63 -11.48 -5.98
CA ILE A 177 -16.20 -12.81 -5.72
C ILE A 177 -17.01 -13.28 -6.93
N ALA A 178 -17.79 -12.38 -7.50
CA ALA A 178 -18.69 -12.70 -8.60
C ALA A 178 -18.01 -12.94 -9.92
N THR A 179 -16.80 -12.41 -10.12
CA THR A 179 -16.17 -12.38 -11.44
C THR A 179 -14.72 -12.88 -11.52
N ASN A 180 -14.00 -12.94 -10.40
CA ASN A 180 -12.62 -13.38 -10.43
C ASN A 180 -12.52 -14.74 -9.78
N PRO A 181 -12.38 -15.82 -10.57
CA PRO A 181 -12.33 -17.17 -10.00
C PRO A 181 -11.10 -17.44 -9.14
N ASN A 182 -10.08 -16.58 -9.25
CA ASN A 182 -8.86 -16.68 -8.47
C ASN A 182 -8.78 -15.64 -7.35
N PHE A 183 -9.90 -15.00 -7.02
CA PHE A 183 -9.93 -13.97 -6.00
C PHE A 183 -9.32 -14.47 -4.69
N SER A 184 -8.35 -13.72 -4.16
CA SER A 184 -7.70 -14.05 -2.90
C SER A 184 -7.81 -12.86 -1.96
N PHE A 185 -8.23 -13.12 -0.72
CA PHE A 185 -8.50 -12.07 0.24
C PHE A 185 -8.15 -12.57 1.64
N VAL A 186 -6.87 -12.90 1.82
CA VAL A 186 -6.36 -13.46 3.07
C VAL A 186 -5.14 -12.70 3.56
N ASP A 187 -4.80 -12.95 4.82
CA ASP A 187 -3.53 -12.53 5.40
C ASP A 187 -3.18 -11.07 5.11
N PHE A 188 -2.05 -10.79 4.49
CA PHE A 188 -1.55 -9.42 4.36
C PHE A 188 -2.52 -8.56 3.54
N ARG A 189 -3.07 -9.12 2.47
CA ARG A 189 -4.01 -8.36 1.64
C ARG A 189 -5.31 -8.05 2.36
N PHE A 190 -5.80 -8.99 3.16
CA PHE A 190 -7.00 -8.77 3.97
C PHE A 190 -6.81 -7.52 4.84
N PHE A 191 -5.63 -7.35 5.42
CA PHE A 191 -5.36 -6.17 6.23
C PHE A 191 -5.23 -4.89 5.41
N THR A 192 -4.37 -4.90 4.41
CA THR A 192 -4.08 -3.69 3.63
C THR A 192 -5.29 -3.20 2.85
N ALA A 193 -6.12 -4.11 2.36
CA ALA A 193 -7.32 -3.73 1.60
C ALA A 193 -8.25 -2.84 2.39
N TYR A 194 -8.33 -3.04 3.71
CA TYR A 194 -9.16 -2.18 4.57
C TYR A 194 -8.51 -0.86 4.88
N GLY A 195 -7.26 -0.89 5.32
CA GLY A 195 -6.56 0.33 5.67
C GLY A 195 -6.42 1.32 4.52
N GLU A 196 -6.14 0.81 3.33
CA GLU A 196 -5.96 1.67 2.15
C GLU A 196 -7.19 2.48 1.80
N THR A 197 -8.38 1.98 2.13
CA THR A 197 -9.60 2.74 1.83
C THR A 197 -9.76 3.98 2.72
N THR A 198 -9.06 4.05 3.84
CA THR A 198 -9.07 5.24 4.70
C THR A 198 -8.11 6.31 4.22
N PHE A 199 -7.07 5.89 3.49
CA PHE A 199 -6.00 6.81 3.13
C PHE A 199 -6.44 8.03 2.33
N PRO A 200 -7.38 7.90 1.38
CA PRO A 200 -7.81 9.12 0.68
C PRO A 200 -8.49 10.14 1.61
N ALA A 201 -9.28 9.65 2.55
CA ALA A 201 -9.93 10.51 3.53
C ALA A 201 -8.95 11.13 4.54
N ASN A 202 -7.89 10.41 4.89
CA ASN A 202 -6.97 10.84 5.95
C ASN A 202 -5.79 11.65 5.42
N LEU A 203 -5.40 11.40 4.17
CA LEU A 203 -4.12 11.89 3.63
C LEU A 203 -4.22 12.72 2.33
N PHE A 204 -5.27 12.51 1.54
CA PHE A 204 -5.49 13.32 0.32
C PHE A 204 -6.37 14.56 0.55
N VAL A 205 -6.88 14.71 1.78
CA VAL A 205 -7.66 15.89 2.16
C VAL A 205 -6.69 16.97 2.61
N ASP A 206 -6.83 18.17 2.05
CA ASP A 206 -5.97 19.30 2.41
C ASP A 206 -5.93 19.46 3.92
N GLY A 207 -4.73 19.55 4.48
CA GLY A 207 -4.54 19.53 5.92
C GLY A 207 -5.05 20.76 6.67
N ARG A 208 -5.36 21.84 5.97
CA ARG A 208 -6.01 22.99 6.63
C ARG A 208 -7.45 22.69 6.95
N ARG A 209 -8.03 21.72 6.26
CA ARG A 209 -9.39 21.26 6.52
C ARG A 209 -9.38 20.02 7.38
N ASP A 210 -8.65 18.99 6.96
CA ASP A 210 -8.57 17.71 7.66
C ASP A 210 -9.94 17.21 8.14
N ASP A 211 -10.95 17.33 7.27
CA ASP A 211 -12.33 17.03 7.64
C ASP A 211 -12.81 15.66 7.18
N GLY A 212 -11.91 14.90 6.54
CA GLY A 212 -12.24 13.56 6.08
C GLY A 212 -13.15 13.49 4.87
N GLN A 213 -13.32 14.62 4.18
CA GLN A 213 -14.24 14.70 3.03
C GLN A 213 -13.44 15.07 1.78
N LEU A 214 -13.09 14.07 0.98
CA LEU A 214 -12.25 14.29 -0.18
C LEU A 214 -13.11 14.61 -1.41
N ASP A 215 -12.88 15.77 -2.02
CA ASP A 215 -13.61 16.11 -3.26
C ASP A 215 -13.09 15.32 -4.46
N MET A 216 -13.95 15.17 -5.46
CA MET A 216 -13.63 14.33 -6.62
C MET A 216 -12.59 14.91 -7.55
N ASP A 217 -12.42 16.23 -7.59
CA ASP A 217 -11.35 16.84 -8.38
C ASP A 217 -9.99 16.46 -7.80
N ALA A 218 -9.84 16.61 -6.48
CA ALA A 218 -8.64 16.16 -5.80
C ALA A 218 -8.45 14.64 -5.92
N ALA A 219 -9.52 13.88 -5.74
CA ALA A 219 -9.42 12.41 -5.85
C ALA A 219 -8.87 12.00 -7.22
N ARG A 220 -9.42 12.55 -8.29
CA ARG A 220 -8.92 12.23 -9.63
C ARG A 220 -7.47 12.66 -9.81
N SER A 221 -7.11 13.84 -9.30
CA SER A 221 -5.75 14.35 -9.45
C SER A 221 -4.73 13.38 -8.87
N PHE A 222 -5.00 12.86 -7.67
CA PHE A 222 -4.12 11.88 -7.04
C PHE A 222 -4.19 10.52 -7.73
N PHE A 223 -5.40 9.96 -7.81
CA PHE A 223 -5.56 8.58 -8.30
C PHE A 223 -5.15 8.37 -9.77
N GLN A 224 -5.47 9.34 -10.62
CA GLN A 224 -5.17 9.21 -12.05
C GLN A 224 -3.83 9.83 -12.41
N PHE A 225 -3.60 11.08 -11.98
CA PHE A 225 -2.46 11.87 -12.46
C PHE A 225 -1.27 11.97 -11.54
N SER A 226 -1.35 11.37 -10.35
CA SER A 226 -0.25 11.39 -9.39
C SER A 226 0.14 12.83 -9.06
N ARG A 227 -0.86 13.69 -8.90
CA ARG A 227 -0.68 15.14 -8.87
C ARG A 227 -1.43 15.73 -7.69
N MET A 228 -0.69 16.45 -6.85
CA MET A 228 -1.28 17.23 -5.77
C MET A 228 -2.08 18.38 -6.35
N PRO A 229 -3.22 18.70 -5.74
CA PRO A 229 -3.87 19.95 -6.13
C PRO A 229 -2.98 21.16 -5.96
N ASP A 230 -3.23 22.19 -6.76
CA ASP A 230 -2.55 23.46 -6.60
C ASP A 230 -2.74 23.94 -5.15
N ASP A 231 -1.64 24.33 -4.51
CA ASP A 231 -1.64 24.82 -3.13
C ASP A 231 -1.95 23.74 -2.08
N PHE A 232 -1.69 22.47 -2.39
CA PHE A 232 -2.01 21.38 -1.46
C PHE A 232 -1.17 21.44 -0.19
N PHE A 233 -1.85 21.48 0.96
CA PHE A 233 -1.24 21.33 2.27
C PHE A 233 -1.42 19.87 2.72
N ARG A 234 -0.34 19.28 3.20
CA ARG A 234 -0.40 17.95 3.82
C ARG A 234 -1.19 17.99 5.12
N ALA A 235 -1.59 16.80 5.55
CA ALA A 235 -2.29 16.60 6.82
C ALA A 235 -1.55 17.26 7.99
N PRO A 236 -2.32 17.70 9.02
CA PRO A 236 -1.73 18.48 10.12
C PRO A 236 -1.08 17.69 11.23
N SER A 237 -1.08 16.37 11.15
CA SER A 237 -0.46 15.50 12.14
C SER A 237 -0.16 14.15 11.51
N PRO A 238 0.73 13.33 12.09
CA PRO A 238 0.99 12.02 11.51
C PRO A 238 -0.19 11.07 11.63
N ARG A 239 -0.53 10.41 10.54
CA ARG A 239 -1.57 9.38 10.55
C ARG A 239 -1.45 8.44 9.37
N SER A 240 -2.20 7.35 9.42
CA SER A 240 -2.33 6.45 8.27
C SER A 240 -3.76 5.94 8.20
N GLY A 241 -4.07 4.90 8.97
CA GLY A 241 -5.34 4.19 8.87
C GLY A 241 -6.42 4.49 9.88
N THR A 242 -6.38 5.66 10.50
N THR A 242 -6.41 5.72 10.43
CA THR A 242 -7.39 5.94 11.51
CA THR A 242 -7.48 6.25 11.31
C THR A 242 -8.78 6.00 10.84
C THR A 242 -8.84 5.98 10.74
N GLY A 243 -9.74 5.37 11.53
CA GLY A 243 -11.11 5.18 11.06
C GLY A 243 -11.37 3.91 10.29
N VAL A 244 -10.37 3.03 10.18
CA VAL A 244 -10.55 1.74 9.53
C VAL A 244 -11.66 0.92 10.19
N GLU A 245 -11.85 1.08 11.50
CA GLU A 245 -12.97 0.42 12.19
C GLU A 245 -14.34 0.73 11.58
N VAL A 246 -14.53 1.95 11.08
CA VAL A 246 -15.78 2.34 10.42
C VAL A 246 -15.99 1.52 9.14
N VAL A 247 -14.90 1.33 8.39
CA VAL A 247 -14.95 0.60 7.13
C VAL A 247 -15.30 -0.87 7.38
N VAL A 248 -14.61 -1.48 8.35
CA VAL A 248 -14.88 -2.86 8.73
C VAL A 248 -16.31 -3.05 9.22
N GLN A 249 -16.72 -2.16 10.12
CA GLN A 249 -18.03 -2.26 10.76
C GLN A 249 -19.19 -2.16 9.79
N ALA A 250 -19.00 -1.44 8.67
CA ALA A 250 -20.02 -1.33 7.64
C ALA A 250 -20.43 -2.71 7.09
N HIS A 251 -19.45 -3.57 6.86
CA HIS A 251 -19.70 -4.90 6.26
C HIS A 251 -18.59 -5.88 6.69
N PRO A 252 -18.66 -6.39 7.93
CA PRO A 252 -17.57 -7.24 8.40
C PRO A 252 -17.42 -8.50 7.57
N MET A 253 -16.18 -8.78 7.18
CA MET A 253 -15.86 -9.94 6.34
C MET A 253 -14.88 -10.85 7.06
N GLN A 254 -14.88 -12.12 6.64
CA GLN A 254 -13.87 -13.09 7.01
C GLN A 254 -12.87 -13.23 5.86
N PRO A 255 -11.60 -13.53 6.18
CA PRO A 255 -10.63 -13.80 5.13
C PRO A 255 -10.92 -15.10 4.41
N GLY A 256 -10.68 -15.11 3.10
CA GLY A 256 -10.97 -16.27 2.29
C GLY A 256 -10.58 -16.05 0.85
N ARG A 257 -11.03 -16.96 -0.01
CA ARG A 257 -10.70 -16.90 -1.43
C ARG A 257 -11.75 -17.63 -2.21
N ASN A 258 -11.90 -17.26 -3.48
CA ASN A 258 -12.58 -18.14 -4.43
C ASN A 258 -11.67 -19.33 -4.68
N VAL A 259 -12.28 -20.47 -5.00
CA VAL A 259 -11.54 -21.75 -5.11
C VAL A 259 -11.54 -22.25 -6.55
N GLY A 260 -11.13 -21.38 -7.46
CA GLY A 260 -11.02 -21.71 -8.89
C GLY A 260 -12.29 -21.52 -9.68
N LYS A 261 -13.34 -20.98 -9.07
CA LYS A 261 -14.61 -20.70 -9.71
C LYS A 261 -15.15 -19.40 -9.13
N ILE A 262 -15.92 -18.67 -9.91
CA ILE A 262 -16.67 -17.53 -9.37
C ILE A 262 -17.69 -18.01 -8.33
N ASN A 263 -18.05 -17.11 -7.41
CA ASN A 263 -19.08 -17.39 -6.42
C ASN A 263 -18.80 -18.64 -5.61
N SER A 264 -17.55 -18.77 -5.16
CA SER A 264 -17.13 -19.94 -4.37
C SER A 264 -16.28 -19.47 -3.18
N TYR A 265 -16.62 -18.33 -2.59
CA TYR A 265 -15.76 -17.72 -1.58
C TYR A 265 -15.75 -18.61 -0.35
N THR A 266 -14.56 -19.09 -0.01
CA THR A 266 -14.35 -20.09 1.02
C THR A 266 -13.45 -19.52 2.08
N VAL A 267 -13.95 -19.49 3.31
CA VAL A 267 -13.22 -18.92 4.43
C VAL A 267 -11.99 -19.75 4.74
N ASP A 268 -10.88 -19.07 5.02
CA ASP A 268 -9.60 -19.70 5.31
C ASP A 268 -9.34 -19.55 6.81
N PRO A 269 -9.48 -20.65 7.58
CA PRO A 269 -9.21 -20.59 9.01
C PRO A 269 -7.74 -20.49 9.39
N THR A 270 -6.84 -20.69 8.42
N THR A 270 -6.81 -20.68 8.45
CA THR A 270 -5.41 -20.55 8.63
CA THR A 270 -5.40 -20.50 8.75
C THR A 270 -4.95 -19.09 8.49
C THR A 270 -4.94 -19.07 8.50
N SER A 271 -5.80 -18.25 7.90
CA SER A 271 -5.48 -16.83 7.71
C SER A 271 -5.55 -16.11 9.04
N SER A 272 -4.70 -15.10 9.17
CA SER A 272 -4.89 -14.09 10.20
C SER A 272 -6.13 -13.27 9.86
N ASP A 273 -6.68 -12.62 10.87
CA ASP A 273 -7.74 -11.63 10.68
C ASP A 273 -7.49 -10.51 11.69
N PHE A 274 -8.43 -9.57 11.86
CA PHE A 274 -8.20 -8.46 12.75
C PHE A 274 -8.12 -8.84 14.23
N SER A 275 -8.58 -10.04 14.58
CA SER A 275 -8.40 -10.55 15.94
C SER A 275 -6.99 -11.08 16.21
N THR A 276 -6.18 -11.27 15.17
CA THR A 276 -4.84 -11.84 15.28
C THR A 276 -3.80 -11.06 14.47
N PRO A 277 -3.55 -9.80 14.84
CA PRO A 277 -2.58 -9.01 14.07
C PRO A 277 -1.13 -9.49 14.15
N CYS A 278 -0.69 -10.06 15.29
CA CYS A 278 0.65 -10.64 15.34
C CYS A 278 0.84 -11.85 14.43
N LEU A 279 -0.22 -12.62 14.21
CA LEU A 279 -0.18 -13.74 13.29
C LEU A 279 0.07 -13.29 11.86
N MET A 280 -0.52 -12.15 11.49
N MET A 280 -0.52 -12.15 11.49
CA MET A 280 -0.28 -11.56 10.17
CA MET A 280 -0.27 -11.56 10.17
C MET A 280 1.20 -11.27 9.96
C MET A 280 1.21 -11.27 9.95
N TYR A 281 1.84 -10.68 10.97
CA TYR A 281 3.28 -10.43 10.91
C TYR A 281 4.09 -11.76 10.86
N GLU A 282 3.73 -12.72 11.71
CA GLU A 282 4.49 -13.98 11.77
C GLU A 282 4.42 -14.76 10.48
N LYS A 283 3.22 -14.82 9.87
CA LYS A 283 3.06 -15.50 8.60
C LYS A 283 3.77 -14.78 7.48
N PHE A 284 3.74 -13.45 7.52
CA PHE A 284 4.41 -12.68 6.48
C PHE A 284 5.93 -13.02 6.46
N VAL A 285 6.52 -13.12 7.64
CA VAL A 285 7.94 -13.45 7.74
C VAL A 285 8.20 -14.94 7.50
N ASN A 286 7.49 -15.79 8.23
CA ASN A 286 7.78 -17.24 8.20
C ASN A 286 7.40 -17.93 6.91
N ILE A 287 6.36 -17.44 6.24
CA ILE A 287 5.86 -18.05 5.01
C ILE A 287 6.22 -17.20 3.80
N THR A 288 5.75 -15.97 3.75
CA THR A 288 5.89 -15.17 2.54
C THR A 288 7.35 -14.84 2.23
N VAL A 289 8.04 -14.22 3.19
CA VAL A 289 9.45 -13.84 2.94
C VAL A 289 10.33 -15.09 2.80
N LYS A 290 10.17 -16.03 3.72
CA LYS A 290 10.98 -17.26 3.74
C LYS A 290 10.84 -18.07 2.46
N SER A 291 9.63 -18.14 1.92
CA SER A 291 9.41 -18.87 0.66
C SER A 291 10.11 -18.22 -0.53
N LEU A 292 10.29 -16.89 -0.52
CA LEU A 292 11.03 -16.21 -1.57
C LEU A 292 12.54 -16.42 -1.44
N TYR A 293 12.99 -16.56 -0.20
CA TYR A 293 14.41 -16.73 0.14
C TYR A 293 14.59 -17.93 1.08
N PRO A 294 14.39 -19.15 0.56
CA PRO A 294 14.43 -20.33 1.47
C PRO A 294 15.81 -20.71 2.02
N ASN A 295 16.87 -20.49 1.24
CA ASN A 295 18.25 -20.86 1.64
C ASN A 295 19.23 -19.82 1.13
N PRO A 296 19.16 -18.60 1.69
CA PRO A 296 19.96 -17.51 1.12
C PRO A 296 21.45 -17.68 1.37
N THR A 297 22.23 -17.18 0.43
CA THR A 297 23.67 -17.09 0.61
C THR A 297 24.02 -15.99 1.61
N VAL A 298 25.30 -15.94 1.96
CA VAL A 298 25.79 -15.09 3.04
C VAL A 298 25.36 -13.63 3.00
N GLN A 299 25.57 -12.92 1.89
CA GLN A 299 25.28 -11.49 1.84
C GLN A 299 23.75 -11.27 1.85
N LEU A 300 23.01 -12.19 1.24
CA LEU A 300 21.52 -12.09 1.22
C LEU A 300 20.92 -12.35 2.59
N ARG A 301 21.44 -13.34 3.28
CA ARG A 301 20.99 -13.65 4.62
C ARG A 301 21.17 -12.46 5.55
N LYS A 302 22.32 -11.80 5.45
CA LYS A 302 22.61 -10.62 6.25
C LYS A 302 21.63 -9.46 5.92
N ALA A 303 21.40 -9.25 4.63
CA ALA A 303 20.46 -8.19 4.19
C ALA A 303 19.01 -8.49 4.59
N LEU A 304 18.62 -9.77 4.51
CA LEU A 304 17.31 -10.21 5.01
C LEU A 304 17.13 -9.90 6.50
N ASN A 305 18.12 -10.29 7.30
CA ASN A 305 18.03 -10.08 8.74
C ASN A 305 17.99 -8.61 9.11
N THR A 306 18.76 -7.78 8.43
CA THR A 306 18.72 -6.33 8.67
C THR A 306 17.33 -5.75 8.37
N ASN A 307 16.81 -6.09 7.20
CA ASN A 307 15.48 -5.59 6.78
C ASN A 307 14.34 -6.17 7.61
N LEU A 308 14.47 -7.42 8.06
CA LEU A 308 13.51 -8.00 8.99
C LEU A 308 13.53 -7.33 10.36
N ASP A 309 14.70 -6.92 10.82
CA ASP A 309 14.79 -6.14 12.08
C ASP A 309 14.10 -4.79 11.92
N PHE A 310 14.31 -4.14 10.78
CA PHE A 310 13.63 -2.87 10.49
C PHE A 310 12.11 -3.05 10.39
N LEU A 311 11.67 -4.11 9.72
CA LEU A 311 10.24 -4.44 9.65
C LEU A 311 9.63 -4.52 11.04
N PHE A 312 10.30 -5.23 11.94
CA PHE A 312 9.77 -5.41 13.30
C PHE A 312 9.62 -4.10 14.07
N GLN A 313 10.43 -3.10 13.77
CA GLN A 313 10.24 -1.76 14.33
C GLN A 313 8.87 -1.16 14.02
N GLY A 314 8.30 -1.56 12.88
CA GLY A 314 6.98 -1.08 12.48
C GLY A 314 5.80 -1.90 12.98
N VAL A 315 6.07 -2.97 13.75
CA VAL A 315 5.02 -3.84 14.26
C VAL A 315 4.51 -3.23 15.56
N ALA A 316 3.19 -3.15 15.68
CA ALA A 316 2.53 -2.66 16.90
C ALA A 316 3.02 -3.42 18.11
N ALA A 317 3.24 -2.69 19.22
CA ALA A 317 3.77 -3.28 20.44
C ALA A 317 2.88 -4.42 20.91
N GLY A 318 3.50 -5.43 21.50
CA GLY A 318 2.79 -6.61 21.94
C GLY A 318 3.19 -7.88 21.21
N CYS A 319 3.67 -7.77 19.97
CA CYS A 319 4.10 -8.93 19.23
C CYS A 319 5.54 -9.31 19.55
N THR A 320 5.84 -10.58 19.32
CA THR A 320 7.16 -11.17 19.52
C THR A 320 7.83 -11.27 18.16
N GLN A 321 9.09 -10.84 18.07
CA GLN A 321 9.85 -10.97 16.83
C GLN A 321 10.15 -12.42 16.51
N VAL A 322 10.04 -12.77 15.23
CA VAL A 322 10.38 -14.10 14.74
C VAL A 322 11.62 -14.04 13.87
N PHE A 323 12.38 -15.12 13.87
CA PHE A 323 13.71 -15.16 13.28
C PHE A 323 13.85 -16.35 12.34
N PRO A 324 13.47 -16.16 11.05
CA PRO A 324 13.54 -17.29 10.12
C PRO A 324 14.94 -17.76 9.73
N TYR A 325 15.95 -16.90 9.89
CA TYR A 325 17.34 -17.21 9.55
C TYR A 325 18.24 -17.12 10.80
N GLY A 326 17.68 -17.40 11.96
CA GLY A 326 18.41 -17.26 13.23
C GLY A 326 18.65 -15.82 13.66
N ARG A 327 19.47 -15.65 14.70
CA ARG A 327 19.73 -14.36 15.33
C ARG A 327 20.97 -13.68 14.75
CHA HEM B . -2.36 1.02 -2.46
CHB HEM B . 2.29 0.39 -1.22
CHC HEM B . 2.09 4.57 1.28
CHD HEM B . -2.28 5.45 -0.60
C1A HEM B . -1.08 0.48 -2.38
C2A HEM B . -0.63 -0.71 -2.99
C3A HEM B . 0.67 -0.87 -2.64
C4A HEM B . 1.04 0.23 -1.79
CMA HEM B . 1.56 -2.00 -3.10
CAA HEM B . -1.46 -1.61 -3.87
CBA HEM B . -2.39 -2.49 -3.01
CGA HEM B . -3.54 -2.84 -3.89
O1A HEM B . -3.54 -3.88 -4.58
O2A HEM B . -4.51 -2.03 -3.95
C1B HEM B . 2.64 1.46 -0.36
C2B HEM B . 3.86 1.56 0.35
C3B HEM B . 3.83 2.74 1.06
C4B HEM B . 2.50 3.32 0.79
CMB HEM B . 5.04 0.61 0.31
CAB HEM B . 4.89 3.16 2.01
CBB HEM B . 4.64 3.83 3.14
C1C HEM B . 0.91 5.23 0.94
C2C HEM B . 0.62 6.58 1.28
C3C HEM B . -0.64 6.83 0.73
C4C HEM B . -1.09 5.64 0.03
CMC HEM B . 1.49 7.53 2.07
CAC HEM B . -1.41 8.10 0.73
CBC HEM B . -0.91 9.29 0.98
C1D HEM B . -2.68 4.27 -1.19
C2D HEM B . -4.03 4.07 -1.72
C3D HEM B . -4.05 2.83 -2.24
C4D HEM B . -2.69 2.29 -1.99
CMD HEM B . -5.21 5.04 -1.69
CAD HEM B . -5.23 2.12 -2.86
CBD HEM B . -5.38 2.30 -4.35
CGD HEM B . -6.68 1.66 -4.81
O1D HEM B . -7.20 0.70 -4.18
O2D HEM B . -7.25 2.12 -5.81
NA HEM B . -0.04 1.07 -1.70
NB HEM B . 1.88 2.52 -0.11
NC HEM B . -0.09 4.71 0.14
ND HEM B . -1.87 3.20 -1.44
FE HEM B . -0.06 2.88 -0.83
MG MG C . -4.63 -4.41 -6.33
CL CL D . 4.91 9.51 13.17
C1 NAG E . 6.74 23.98 12.12
C2 NAG E . 7.22 25.24 12.84
C3 NAG E . 6.13 26.30 12.68
C4 NAG E . 5.85 26.49 11.18
C5 NAG E . 5.35 25.15 10.61
C6 NAG E . 4.83 25.16 9.17
C7 NAG E . 8.76 25.11 14.77
C8 NAG E . 8.95 24.70 16.20
N2 NAG E . 7.55 24.91 14.23
O3 NAG E . 6.51 27.52 13.32
O4 NAG E . 4.92 27.56 10.98
O5 NAG E . 6.44 24.24 10.75
O6 NAG E . 5.91 25.02 8.23
O7 NAG E . 9.70 25.61 14.15
C1 NAG F . 7.34 -18.57 12.95
C2 NAG F . 6.25 -19.26 13.76
C3 NAG F . 6.62 -19.20 15.23
C4 NAG F . 7.98 -19.85 15.43
C5 NAG F . 9.02 -19.20 14.53
C6 NAG F . 10.35 -19.93 14.65
C7 NAG F . 4.08 -19.07 12.63
C8 NAG F . 2.78 -18.33 12.58
N2 NAG F . 4.94 -18.64 13.57
O3 NAG F . 5.62 -19.87 16.02
O4 NAG F . 8.30 -19.69 16.82
O5 NAG F . 8.59 -19.25 13.17
O6 NAG F . 11.37 -19.14 14.03
O7 NAG F . 4.32 -19.98 11.84
C1 NAG G . -11.40 -1.25 -16.00
C2 NAG G . -10.88 -2.25 -17.03
C3 NAG G . -12.06 -2.89 -17.76
C4 NAG G . -13.06 -3.46 -16.75
C5 NAG G . -13.51 -2.36 -15.81
C6 NAG G . -14.54 -2.78 -14.76
C7 NAG G . -10.06 -0.67 -18.75
C8 NAG G . -8.87 -0.35 -19.61
N2 NAG G . -9.89 -1.71 -17.95
O3 NAG G . -11.59 -3.91 -18.66
O4 NAG G . -14.20 -4.00 -17.44
O5 NAG G . -12.35 -1.87 -15.13
O6 NAG G . -14.04 -3.85 -13.94
O7 NAG G . -11.09 -0.03 -18.83
C1 NAG H . -19.98 11.00 4.68
C2 NAG H . -20.17 11.08 6.21
C3 NAG H . -21.62 10.86 6.58
C4 NAG H . -22.51 11.85 5.82
C5 NAG H . -22.19 11.86 4.33
C6 NAG H . -22.91 13.00 3.64
C7 NAG H . -18.18 10.52 7.55
C8 NAG H . -17.44 9.42 8.23
N2 NAG H . -19.30 10.15 6.92
O3 NAG H . -21.82 11.02 7.99
O4 NAG H . -23.87 11.48 6.04
O5 NAG H . -20.78 12.04 4.10
O6 NAG H . -22.36 14.27 4.01
O7 NAG H . -17.74 11.66 7.56
C1 NAG I . -4.04 -16.57 -8.48
C2 NAG I . -3.03 -15.49 -8.84
C3 NAG I . -1.63 -16.03 -8.49
C4 NAG I . -1.56 -16.32 -7.00
C5 NAG I . -2.72 -17.19 -6.50
C6 NAG I . -2.83 -17.08 -4.98
C7 NAG I . -3.79 -14.01 -10.72
C8 NAG I . -3.64 -13.57 -12.17
N2 NAG I . -2.99 -15.01 -10.24
O3 NAG I . -0.62 -15.08 -8.85
O4 NAG I . -0.29 -16.93 -6.70
O5 NAG I . -4.00 -16.80 -7.06
O6 NAG I . -3.96 -17.83 -4.53
O7 NAG I . -4.66 -13.51 -10.02
P PO4 J . 14.23 -1.19 -17.48
O1 PO4 J . 13.19 -0.48 -16.62
O2 PO4 J . 14.42 -2.63 -17.06
O3 PO4 J . 13.79 -1.18 -18.94
O4 PO4 J . 15.57 -0.46 -17.37
C1 NPY K . 0.58 1.28 5.38
C2 NPY K . 0.06 0.86 6.60
C3 NPY K . -0.94 -0.11 6.67
C4 NPY K . -1.47 -0.66 5.52
C4A NPY K . -1.01 -0.25 4.28
C5 NPY K . -1.51 -0.78 3.11
C6 NPY K . -1.00 -0.34 1.89
C7 NPY K . 0.00 0.61 1.82
C8 NPY K . 0.55 1.17 2.96
C8A NPY K . 0.08 0.77 4.20
C1 GOL L . -5.76 22.88 -2.31
O1 GOL L . -5.71 21.67 -1.53
C2 GOL L . -6.76 23.87 -1.73
O2 GOL L . -8.07 23.28 -1.86
C3 GOL L . -6.68 25.20 -2.49
O3 GOL L . -7.85 26.03 -2.32
C1 GOL M . -4.28 8.81 -17.56
O1 GOL M . -4.47 7.57 -16.84
C2 GOL M . -2.84 9.02 -18.05
O2 GOL M . -2.08 7.81 -17.84
C3 GOL M . -2.19 10.23 -17.37
O3 GOL M . -0.76 10.19 -17.30
C1 GOL N . -14.09 14.71 -11.38
O1 GOL N . -13.12 13.79 -10.83
C2 GOL N . -15.41 14.01 -11.67
O2 GOL N . -16.09 13.75 -10.44
C3 GOL N . -15.20 12.70 -12.40
O3 GOL N . -14.72 12.92 -13.74
C1 GOL O . 9.86 21.74 0.59
O1 GOL O . 11.26 21.97 0.92
C2 GOL O . 9.11 20.82 1.57
O2 GOL O . 7.74 20.68 1.17
C3 GOL O . 9.62 19.39 1.71
O3 GOL O . 10.74 19.24 2.57
C1 GOL P . -1.74 -19.87 4.38
O1 GOL P . -1.82 -20.47 5.67
C2 GOL P . -3.08 -19.21 3.99
O2 GOL P . -3.74 -18.45 5.04
C3 GOL P . -2.81 -18.19 2.90
O3 GOL P . -2.90 -18.78 1.61
C1 GOL Q . 0.36 -1.46 -18.51
O1 GOL Q . 1.23 -2.61 -18.52
C2 GOL Q . 0.97 -0.13 -19.00
O2 GOL Q . 1.20 0.70 -17.86
C3 GOL Q . 2.28 -0.23 -19.79
O3 GOL Q . 2.75 -1.54 -20.10
C1 GOL R . -21.68 2.40 -9.13
O1 GOL R . -21.07 3.28 -10.02
C2 GOL R . -22.25 1.23 -9.90
O2 GOL R . -22.10 1.35 -11.34
C3 GOL R . -21.53 0.01 -9.38
O3 GOL R . -20.57 -0.39 -10.36
C MOH S . -0.01 -6.07 -16.85
O MOH S . -0.76 -5.19 -17.68
C MOH T . -20.33 -13.27 -13.14
O MOH T . -19.07 -13.55 -13.71
C MOH U . -6.26 -5.53 14.95
C MOH U . -8.37 -4.35 15.23
O MOH U . -7.33 -5.59 15.86
O MOH U . -7.61 -5.41 15.80
C MOH V . -9.68 -2.22 13.35
O MOH V . -9.05 -3.07 12.42
C MOH W . 14.08 16.58 -10.12
O MOH W . 13.56 15.74 -9.10
C MOH X . 17.07 8.56 -9.84
O MOH X . 17.54 8.28 -8.53
C MOH Y . -23.51 -0.28 -6.92
C MOH Y . -24.68 -0.96 -7.23
O MOH Y . -24.68 -1.08 -6.95
O MOH Y . -23.53 -0.17 -6.98
C MOH Z . -10.79 6.09 -20.87
O MOH Z . -11.99 5.54 -20.42
C MOH AA . 3.06 26.49 3.97
O MOH AA . 4.23 25.71 4.08
C MOH BA . 0.34 20.33 -9.18
O MOH BA . -1.02 20.64 -9.36
C MOH CA . 5.85 27.86 -3.53
C MOH CA . 6.34 27.71 -3.36
O MOH CA . 4.89 27.35 -4.42
O MOH CA . 7.37 27.46 -2.42
C MOH DA . -2.21 -11.99 17.76
C MOH DA . -2.08 -12.46 17.37
O MOH DA . -1.86 -13.01 16.85
O MOH DA . -2.14 -11.05 17.53
C MOH EA . -18.01 -1.36 -17.52
C MOH EA . -18.17 -1.25 -17.26
O MOH EA . -18.72 -1.51 -16.30
O MOH EA . -17.21 -0.90 -18.25
C MOH FA . 18.08 10.77 -0.88
O MOH FA . 17.04 11.31 -1.69
C MOH GA . 15.36 11.38 1.22
O MOH GA . 15.61 10.35 2.17
#